data_9K7U
#
_entry.id   9K7U
#
_cell.length_a   60.879
_cell.length_b   60.879
_cell.length_c   91.668
_cell.angle_alpha   90.00
_cell.angle_beta   90.00
_cell.angle_gamma   90.00
#
_symmetry.space_group_name_H-M   'P 43 21 2'
#
loop_
_entity.id
_entity.type
_entity.pdbx_description
1 polymer Heter-Zn2-HEHE-22A
2 polymer Heter-Zn2-HEHE-22B
3 non-polymer 'ZINC ION'
4 water water
#
loop_
_entity_poly.entity_id
_entity_poly.type
_entity_poly.pdbx_seq_one_letter_code
_entity_poly.pdbx_strand_id
1 'polypeptide(L)'
;MGHHHHHHHHSSGLEVLFQGPGGTGPEEALKIALELLRRGNPEEARRVLEEALEEALKKGDPTQIVMLAVLLADILLHLG
NPEEARKVLEEAFRVLLELGNPEAISHIATDLAKVLELLGDPEKAREVLRRALKVIQELGNPEAEESVRERLEKLEKG
;
A
2 'polypeptide(L)' MGHHHHHHHHSSGLEVLFQGPGGTSEHELHDRVDKLLAEAMNIEDPEERRRVLEEARKIAEELNDKSLILAVKLVEKKL B
#
# COMPACT_ATOMS: atom_id res chain seq x y z
N GLY A 23 23.18 -6.47 -3.34
CA GLY A 23 22.56 -5.29 -2.76
C GLY A 23 21.14 -5.54 -2.27
N THR A 24 20.65 -4.65 -1.40
CA THR A 24 19.32 -4.76 -0.83
C THR A 24 18.34 -3.96 -1.68
N GLY A 25 17.70 -4.65 -2.64
CA GLY A 25 16.65 -4.04 -3.41
C GLY A 25 15.39 -3.86 -2.59
N PRO A 26 14.34 -3.35 -3.24
CA PRO A 26 13.06 -3.18 -2.52
C PRO A 26 12.56 -4.47 -1.89
N GLU A 27 12.63 -5.59 -2.63
CA GLU A 27 12.10 -6.84 -2.11
C GLU A 27 12.87 -7.30 -0.88
N GLU A 28 14.20 -7.14 -0.92
CA GLU A 28 15.02 -7.52 0.23
C GLU A 28 14.74 -6.63 1.43
N ALA A 29 14.53 -5.33 1.19
CA ALA A 29 14.25 -4.43 2.30
C ALA A 29 12.90 -4.75 2.95
N LEU A 30 11.91 -5.11 2.14
CA LEU A 30 10.61 -5.50 2.70
C LEU A 30 10.75 -6.70 3.63
N LYS A 31 11.49 -7.71 3.19
CA LYS A 31 11.67 -8.93 4.00
C LYS A 31 12.36 -8.62 5.32
N ILE A 32 13.44 -7.82 5.27
CA ILE A 32 14.14 -7.44 6.50
C ILE A 32 13.22 -6.66 7.43
N ALA A 33 12.51 -5.68 6.87
CA ALA A 33 11.66 -4.83 7.70
C ALA A 33 10.54 -5.63 8.35
N LEU A 34 9.91 -6.56 7.63
CA LEU A 34 8.84 -7.36 8.22
C LEU A 34 9.35 -8.14 9.42
N GLU A 35 10.55 -8.69 9.31
CA GLU A 35 11.13 -9.42 10.43
C GLU A 35 11.42 -8.48 11.60
N LEU A 36 12.06 -7.35 11.33
CA LEU A 36 12.44 -6.44 12.41
C LEU A 36 11.20 -5.92 13.13
N LEU A 37 10.16 -5.59 12.37
CA LEU A 37 8.89 -5.18 12.96
C LEU A 37 8.34 -6.26 13.88
N ARG A 38 8.22 -7.49 13.37
CA ARG A 38 7.69 -8.60 14.15
C ARG A 38 8.53 -8.90 15.38
N ARG A 39 9.84 -8.65 15.31
CA ARG A 39 10.74 -8.93 16.42
C ARG A 39 10.92 -7.74 17.35
N GLY A 40 10.02 -6.76 17.28
CA GLY A 40 10.01 -5.67 18.23
C GLY A 40 10.95 -4.53 17.92
N ASN A 41 11.37 -4.37 16.67
CA ASN A 41 12.33 -3.35 16.28
C ASN A 41 11.72 -2.43 15.22
N PRO A 42 10.58 -1.77 15.52
CA PRO A 42 9.92 -0.99 14.45
C PRO A 42 10.74 0.19 13.95
N GLU A 43 11.51 0.85 14.82
CA GLU A 43 12.30 1.99 14.35
C GLU A 43 13.37 1.55 13.36
N GLU A 44 14.01 0.42 13.61
CA GLU A 44 14.96 -0.13 12.65
C GLU A 44 14.27 -0.63 11.37
N ALA A 45 13.06 -1.20 11.48
CA ALA A 45 12.31 -1.52 10.26
C ALA A 45 12.02 -0.26 9.46
N ARG A 46 11.62 0.81 10.15
CA ARG A 46 11.36 2.09 9.49
C ARG A 46 12.59 2.58 8.71
N ARG A 47 13.76 2.61 9.35
CA ARG A 47 14.94 3.13 8.65
C ARG A 47 15.33 2.26 7.45
N VAL A 48 15.14 0.94 7.53
CA VAL A 48 15.41 0.07 6.38
C VAL A 48 14.52 0.43 5.20
N LEU A 49 13.23 0.68 5.47
CA LEU A 49 12.30 1.02 4.38
C LEU A 49 12.48 2.45 3.90
N GLU A 50 12.78 3.39 4.81
CA GLU A 50 13.02 4.77 4.39
C GLU A 50 14.12 4.83 3.34
N GLU A 51 15.22 4.12 3.58
CA GLU A 51 16.34 4.13 2.65
C GLU A 51 15.95 3.49 1.32
N ALA A 52 15.25 2.35 1.38
CA ALA A 52 14.85 1.67 0.16
C ALA A 52 13.84 2.49 -0.63
N LEU A 53 12.87 3.09 0.06
CA LEU A 53 11.88 3.90 -0.64
C LEU A 53 12.52 5.10 -1.32
N GLU A 54 13.52 5.70 -0.66
CA GLU A 54 14.21 6.83 -1.28
C GLU A 54 14.76 6.49 -2.66
N GLU A 55 15.36 5.32 -2.79
CA GLU A 55 15.86 4.89 -4.09
C GLU A 55 14.73 4.45 -5.02
N ALA A 56 13.75 3.70 -4.50
CA ALA A 56 12.67 3.23 -5.36
C ALA A 56 11.86 4.37 -5.96
N LEU A 57 11.72 5.48 -5.24
CA LEU A 57 10.99 6.62 -5.80
C LEU A 57 11.67 7.16 -7.05
N LYS A 58 12.98 7.02 -7.14
CA LYS A 58 13.66 7.45 -8.36
C LYS A 58 13.84 6.33 -9.37
N LYS A 59 14.08 5.10 -8.92
CA LYS A 59 14.47 4.03 -9.83
C LYS A 59 13.61 2.78 -9.77
N GLY A 60 12.66 2.69 -8.86
CA GLY A 60 11.88 1.47 -8.73
C GLY A 60 10.61 1.49 -9.54
N ASP A 61 10.02 0.32 -9.72
CA ASP A 61 8.79 0.21 -10.50
C ASP A 61 7.59 0.47 -9.61
N PRO A 62 6.39 0.65 -10.18
CA PRO A 62 5.25 1.06 -9.34
C PRO A 62 4.90 0.08 -8.25
N THR A 63 5.03 -1.23 -8.48
CA THR A 63 4.70 -2.19 -7.44
C THR A 63 5.70 -2.12 -6.29
N GLN A 64 7.00 -1.98 -6.62
CA GLN A 64 8.00 -1.80 -5.56
C GLN A 64 7.72 -0.56 -4.75
N ILE A 65 7.40 0.55 -5.41
CA ILE A 65 7.09 1.80 -4.70
C ILE A 65 5.91 1.59 -3.77
N VAL A 66 4.82 1.03 -4.32
CA VAL A 66 3.61 0.85 -3.52
C VAL A 66 3.89 0.05 -2.27
N MET A 67 4.53 -1.11 -2.40
CA MET A 67 4.61 -1.93 -1.20
C MET A 67 5.62 -1.42 -0.19
N LEU A 68 6.72 -0.80 -0.63
CA LEU A 68 7.59 -0.12 0.33
C LEU A 68 6.82 0.98 1.06
N ALA A 69 6.07 1.79 0.31
CA ALA A 69 5.42 2.95 0.91
C ALA A 69 4.29 2.56 1.86
N VAL A 70 3.44 1.61 1.47
CA VAL A 70 2.33 1.28 2.37
C VAL A 70 2.83 0.58 3.62
N LEU A 71 3.90 -0.21 3.51
CA LEU A 71 4.43 -0.83 4.73
C LEU A 71 5.10 0.22 5.61
N LEU A 72 5.95 1.05 5.02
CA LEU A 72 6.63 2.08 5.81
C LEU A 72 5.62 2.99 6.49
N ALA A 73 4.64 3.46 5.73
CA ALA A 73 3.63 4.36 6.29
C ALA A 73 2.89 3.72 7.45
N ASP A 74 2.50 2.46 7.31
CA ASP A 74 1.75 1.83 8.40
C ASP A 74 2.61 1.68 9.65
N ILE A 75 3.89 1.32 9.48
CA ILE A 75 4.79 1.24 10.64
C ILE A 75 4.88 2.59 11.34
N LEU A 76 5.02 3.67 10.55
CA LEU A 76 5.05 5.01 11.13
C LEU A 76 3.74 5.33 11.83
N LEU A 77 2.61 4.93 11.23
CA LEU A 77 1.31 5.16 11.86
C LEU A 77 1.27 4.56 13.26
N HIS A 78 1.67 3.30 13.39
CA HIS A 78 1.53 2.63 14.68
C HIS A 78 2.69 2.96 15.63
N LEU A 79 3.77 3.52 15.11
CA LEU A 79 4.76 4.13 15.98
C LEU A 79 4.23 5.40 16.62
N GLY A 80 3.10 5.89 16.16
CA GLY A 80 2.58 7.16 16.65
C GLY A 80 3.05 8.36 15.85
N ASN A 81 3.46 8.17 14.60
CA ASN A 81 3.94 9.25 13.75
C ASN A 81 3.06 9.37 12.51
N PRO A 82 1.76 9.70 12.69
CA PRO A 82 0.86 9.69 11.51
C PRO A 82 1.17 10.76 10.50
N GLU A 83 1.70 11.92 10.92
CA GLU A 83 2.03 12.93 9.92
C GLU A 83 3.20 12.47 9.06
N GLU A 84 4.15 11.73 9.64
CA GLU A 84 5.22 11.13 8.84
C GLU A 84 4.66 10.06 7.91
N ALA A 85 3.68 9.29 8.37
CA ALA A 85 3.04 8.31 7.49
C ALA A 85 2.41 9.00 6.28
N ARG A 86 1.72 10.13 6.50
CA ARG A 86 1.11 10.86 5.40
C ARG A 86 2.17 11.36 4.42
N LYS A 87 3.28 11.88 4.94
CA LYS A 87 4.34 12.41 4.06
C LYS A 87 4.88 11.32 3.13
N VAL A 88 5.08 10.12 3.68
CA VAL A 88 5.55 8.99 2.88
C VAL A 88 4.53 8.62 1.81
N LEU A 89 3.25 8.51 2.19
CA LEU A 89 2.25 8.13 1.21
C LEU A 89 2.05 9.21 0.15
N GLU A 90 2.08 10.46 0.58
CA GLU A 90 1.90 11.57 -0.35
C GLU A 90 3.05 11.63 -1.35
N GLU A 91 4.28 11.41 -0.90
CA GLU A 91 5.42 11.42 -1.82
C GLU A 91 5.28 10.30 -2.86
N ALA A 92 4.95 9.09 -2.40
CA ALA A 92 4.75 7.97 -3.32
C ALA A 92 3.57 8.24 -4.26
N PHE A 93 2.50 8.82 -3.72
CA PHE A 93 1.32 9.13 -4.53
C PHE A 93 1.67 10.06 -5.69
N ARG A 94 2.44 11.10 -5.42
CA ARG A 94 2.79 12.05 -6.47
C ARG A 94 3.58 11.37 -7.60
N VAL A 95 4.48 10.45 -7.24
CA VAL A 95 5.27 9.75 -8.25
C VAL A 95 4.40 8.77 -9.03
N LEU A 96 3.61 7.97 -8.31
CA LEU A 96 2.80 6.93 -8.95
C LEU A 96 1.73 7.51 -9.87
N LEU A 97 1.33 8.77 -9.65
CA LEU A 97 0.32 9.35 -10.54
C LEU A 97 0.84 9.49 -11.97
N GLU A 98 2.15 9.49 -12.16
CA GLU A 98 2.77 9.68 -13.46
C GLU A 98 3.27 8.39 -14.09
N LEU A 99 3.17 7.25 -13.40
CA LEU A 99 3.77 6.00 -13.88
C LEU A 99 2.80 5.10 -14.62
N GLY A 100 1.57 5.53 -14.86
CA GLY A 100 0.70 4.82 -15.78
C GLY A 100 0.10 3.52 -15.27
N ASN A 101 0.26 3.21 -13.99
CA ASN A 101 -0.27 1.95 -13.45
C ASN A 101 -1.48 2.26 -12.58
N PRO A 102 -2.70 2.05 -13.06
CA PRO A 102 -3.88 2.43 -12.26
C PRO A 102 -4.04 1.60 -11.00
N GLU A 103 -3.62 0.33 -11.03
CA GLU A 103 -3.72 -0.49 -9.83
C GLU A 103 -2.83 0.05 -8.71
N ALA A 104 -1.60 0.45 -9.05
CA ALA A 104 -0.73 1.03 -8.03
C ALA A 104 -1.30 2.33 -7.49
N ILE A 105 -1.91 3.13 -8.36
CA ILE A 105 -2.49 4.38 -7.91
C ILE A 105 -3.63 4.11 -6.93
N SER A 106 -4.43 3.08 -7.21
CA SER A 106 -5.53 2.74 -6.32
C SER A 106 -5.03 2.41 -4.92
N HIS A 107 -4.02 1.56 -4.80
CA HIS A 107 -3.60 1.17 -3.46
C HIS A 107 -3.01 2.38 -2.72
N ILE A 108 -2.13 3.12 -3.36
CA ILE A 108 -1.46 4.21 -2.64
C ILE A 108 -2.48 5.28 -2.22
N ALA A 109 -3.46 5.57 -3.08
CA ALA A 109 -4.46 6.59 -2.75
C ALA A 109 -5.39 6.10 -1.66
N THR A 110 -5.72 4.80 -1.68
CA THR A 110 -6.54 4.23 -0.62
C THR A 110 -5.86 4.37 0.73
N ASP A 111 -4.58 4.00 0.81
CA ASP A 111 -3.89 4.05 2.10
C ASP A 111 -3.64 5.50 2.52
N LEU A 112 -3.32 6.38 1.56
CA LEU A 112 -3.17 7.81 1.87
C LEU A 112 -4.48 8.41 2.38
N ALA A 113 -5.59 8.12 1.70
CA ALA A 113 -6.88 8.65 2.16
C ALA A 113 -7.20 8.14 3.57
N LYS A 114 -6.88 6.87 3.84
CA LYS A 114 -7.20 6.35 5.17
C LYS A 114 -6.37 7.03 6.24
N VAL A 115 -5.09 7.29 5.97
CA VAL A 115 -4.26 8.01 6.93
C VAL A 115 -4.77 9.43 7.11
N LEU A 116 -5.22 10.07 6.03
CA LEU A 116 -5.74 11.43 6.16
C LEU A 116 -7.00 11.44 7.04
N GLU A 117 -7.86 10.44 6.87
CA GLU A 117 -9.02 10.27 7.75
C GLU A 117 -8.59 10.14 9.21
N LEU A 118 -7.62 9.26 9.45
CA LEU A 118 -7.16 9.02 10.83
C LEU A 118 -6.49 10.25 11.42
N LEU A 119 -5.95 11.13 10.59
CA LEU A 119 -5.37 12.39 11.02
C LEU A 119 -6.43 13.46 11.31
N GLY A 120 -7.69 13.20 10.99
CA GLY A 120 -8.72 14.19 11.16
C GLY A 120 -8.86 15.15 10.00
N ASP A 121 -8.53 14.71 8.78
CA ASP A 121 -8.57 15.54 7.58
C ASP A 121 -9.36 14.84 6.48
N PRO A 122 -10.65 14.57 6.70
CA PRO A 122 -11.43 13.87 5.66
C PRO A 122 -11.55 14.65 4.37
N GLU A 123 -11.46 15.99 4.41
CA GLU A 123 -11.55 16.75 3.17
C GLU A 123 -10.38 16.43 2.25
N LYS A 124 -9.18 16.32 2.81
CA LYS A 124 -8.04 15.96 1.96
C LYS A 124 -8.10 14.50 1.54
N ALA A 125 -8.70 13.63 2.36
CA ALA A 125 -8.89 12.25 1.94
C ALA A 125 -9.75 12.18 0.68
N ARG A 126 -10.84 12.95 0.64
CA ARG A 126 -11.68 13.00 -0.55
C ARG A 126 -10.88 13.51 -1.75
N GLU A 127 -10.12 14.60 -1.55
CA GLU A 127 -9.35 15.18 -2.64
C GLU A 127 -8.39 14.16 -3.23
N VAL A 128 -7.73 13.40 -2.36
CA VAL A 128 -6.79 12.37 -2.81
C VAL A 128 -7.51 11.31 -3.63
N LEU A 129 -8.67 10.85 -3.15
CA LEU A 129 -9.38 9.81 -3.87
C LEU A 129 -9.95 10.33 -5.18
N ARG A 130 -10.44 11.58 -5.18
CA ARG A 130 -10.98 12.14 -6.41
C ARG A 130 -9.90 12.38 -7.45
N ARG A 131 -8.71 12.74 -7.01
CA ARG A 131 -7.62 12.92 -7.97
C ARG A 131 -7.14 11.58 -8.50
N ALA A 132 -7.08 10.56 -7.63
CA ALA A 132 -6.73 9.22 -8.10
C ALA A 132 -7.75 8.72 -9.11
N LEU A 133 -9.04 8.90 -8.82
CA LEU A 133 -10.08 8.43 -9.72
C LEU A 133 -9.94 9.08 -11.09
N LYS A 134 -9.66 10.38 -11.11
CA LYS A 134 -9.56 11.08 -12.39
C LYS A 134 -8.42 10.53 -13.25
N VAL A 135 -7.25 10.30 -12.64
CA VAL A 135 -6.12 9.74 -13.40
C VAL A 135 -6.42 8.30 -13.82
N ILE A 136 -7.03 7.52 -12.93
CA ILE A 136 -7.37 6.14 -13.28
C ILE A 136 -8.34 6.10 -14.45
N GLN A 137 -9.31 7.02 -14.47
CA GLN A 137 -10.25 7.04 -15.58
C GLN A 137 -9.53 7.38 -16.88
N GLU A 138 -8.58 8.28 -16.81
CA GLU A 138 -7.80 8.62 -18.00
C GLU A 138 -6.97 7.42 -18.47
N LEU A 139 -6.45 6.64 -17.53
CA LEU A 139 -5.65 5.47 -17.89
C LEU A 139 -6.51 4.34 -18.43
N GLY A 140 -7.74 4.21 -17.95
CA GLY A 140 -8.61 3.14 -18.41
C GLY A 140 -8.39 1.83 -17.70
N ASN A 141 -9.11 1.60 -16.61
CA ASN A 141 -9.03 0.37 -15.82
C ASN A 141 -10.25 0.34 -14.91
N PRO A 142 -11.31 -0.37 -15.31
CA PRO A 142 -12.57 -0.29 -14.55
C PRO A 142 -12.48 -0.91 -13.16
N GLU A 143 -11.60 -1.88 -12.96
CA GLU A 143 -11.44 -2.46 -11.63
C GLU A 143 -10.83 -1.43 -10.68
N ALA A 144 -9.78 -0.74 -11.13
CA ALA A 144 -9.16 0.32 -10.34
C ALA A 144 -10.14 1.47 -10.12
N GLU A 145 -10.99 1.74 -11.10
CA GLU A 145 -11.95 2.82 -10.91
C GLU A 145 -13.05 2.42 -9.93
N GLU A 146 -13.57 1.18 -10.03
CA GLU A 146 -14.56 0.71 -9.05
C GLU A 146 -13.94 0.66 -7.64
N SER A 147 -12.65 0.38 -7.55
CA SER A 147 -11.98 0.31 -6.26
C SER A 147 -11.97 1.66 -5.58
N VAL A 148 -11.58 2.70 -6.31
CA VAL A 148 -11.50 4.04 -5.73
C VAL A 148 -12.90 4.61 -5.51
N ARG A 149 -13.84 4.30 -6.40
CA ARG A 149 -15.23 4.73 -6.17
C ARG A 149 -15.77 4.18 -4.85
N GLU A 150 -15.53 2.89 -4.59
CA GLU A 150 -16.00 2.26 -3.35
C GLU A 150 -15.36 2.90 -2.14
N ARG A 151 -14.09 3.26 -2.24
CA ARG A 151 -13.42 3.97 -1.16
C ARG A 151 -14.08 5.32 -0.90
N LEU A 152 -14.44 6.04 -1.97
CA LEU A 152 -15.14 7.31 -1.82
C LEU A 152 -16.48 7.12 -1.12
N GLU A 153 -17.16 6.00 -1.39
CA GLU A 153 -18.42 5.70 -0.71
C GLU A 153 -18.22 5.41 0.77
N LYS A 154 -17.22 4.59 1.09
CA LYS A 154 -17.01 4.10 2.45
C LYS A 154 -16.35 5.14 3.36
N LEU A 155 -16.44 6.42 3.01
CA LEU A 155 -15.82 7.49 3.77
C LEU A 155 -16.61 7.89 5.02
N GLU A 156 -17.84 7.35 5.19
CA GLU A 156 -18.68 7.77 6.31
C GLU A 156 -18.13 7.35 7.67
N LYS A 157 -16.98 6.68 7.70
CA LYS A 157 -16.34 6.29 8.95
C LYS A 157 -15.55 7.46 9.54
N GLY A 158 -14.94 7.24 10.70
CA GLY A 158 -14.18 8.27 11.38
C GLY A 158 -12.78 8.49 10.85
N SER B 25 -11.13 -3.39 13.17
CA SER B 25 -10.85 -4.75 12.72
C SER B 25 -10.50 -4.73 11.25
N GLU B 26 -11.21 -3.90 10.47
CA GLU B 26 -10.95 -3.76 9.04
C GLU B 26 -9.55 -3.21 8.79
N HIS B 27 -9.12 -2.22 9.57
CA HIS B 27 -7.77 -1.71 9.36
C HIS B 27 -6.72 -2.78 9.73
N GLU B 28 -6.95 -3.53 10.82
CA GLU B 28 -6.07 -4.64 11.15
C GLU B 28 -6.02 -5.66 10.04
N LEU B 29 -7.17 -5.95 9.42
CA LEU B 29 -7.20 -6.93 8.35
C LEU B 29 -6.47 -6.41 7.12
N HIS B 30 -6.66 -5.14 6.79
CA HIS B 30 -5.90 -4.52 5.71
C HIS B 30 -4.40 -4.62 5.99
N ASP B 31 -3.97 -4.30 7.22
CA ASP B 31 -2.55 -4.44 7.57
C ASP B 31 -2.06 -5.85 7.35
N ARG B 32 -2.85 -6.85 7.74
CA ARG B 32 -2.46 -8.24 7.55
C ARG B 32 -2.22 -8.55 6.08
N VAL B 33 -3.12 -8.07 5.22
CA VAL B 33 -2.96 -8.26 3.77
C VAL B 33 -1.68 -7.57 3.29
N ASP B 34 -1.48 -6.31 3.68
CA ASP B 34 -0.30 -5.60 3.22
C ASP B 34 0.99 -6.31 3.62
N LYS B 35 1.04 -6.86 4.85
CA LYS B 35 2.24 -7.59 5.27
C LYS B 35 2.42 -8.90 4.49
N LEU B 36 1.32 -9.61 4.21
CA LEU B 36 1.45 -10.82 3.39
C LEU B 36 1.92 -10.47 1.98
N LEU B 37 1.41 -9.38 1.42
CA LEU B 37 1.82 -8.99 0.08
C LEU B 37 3.28 -8.56 0.05
N ALA B 38 3.73 -7.83 1.08
CA ALA B 38 5.13 -7.47 1.15
C ALA B 38 6.01 -8.71 1.24
N GLU B 39 5.54 -9.72 2.00
CA GLU B 39 6.31 -10.95 2.13
C GLU B 39 6.43 -11.65 0.78
N ALA B 40 5.31 -11.79 0.08
CA ALA B 40 5.31 -12.49 -1.20
C ALA B 40 6.29 -11.88 -2.19
N MET B 41 6.61 -10.59 -2.02
CA MET B 41 7.40 -9.91 -3.03
C MET B 41 8.82 -10.48 -3.09
N ASN B 42 9.29 -11.16 -2.04
CA ASN B 42 10.66 -11.64 -2.00
C ASN B 42 10.75 -13.16 -1.88
N ILE B 43 9.64 -13.86 -1.93
CA ILE B 43 9.63 -15.30 -1.73
C ILE B 43 10.12 -15.97 -3.00
N GLU B 44 11.07 -16.90 -2.87
CA GLU B 44 11.65 -17.53 -4.05
C GLU B 44 10.91 -18.80 -4.47
N ASP B 45 10.43 -19.61 -3.53
CA ASP B 45 9.73 -20.84 -3.93
C ASP B 45 8.38 -20.47 -4.52
N PRO B 46 8.06 -20.90 -5.75
CA PRO B 46 6.84 -20.39 -6.40
C PRO B 46 5.57 -20.86 -5.72
N GLU B 47 5.62 -22.05 -5.11
CA GLU B 47 4.43 -22.60 -4.48
C GLU B 47 4.21 -21.95 -3.11
N GLU B 48 5.29 -21.71 -2.37
CA GLU B 48 5.22 -20.89 -1.17
C GLU B 48 4.66 -19.50 -1.48
N ARG B 49 5.08 -18.90 -2.59
CA ARG B 49 4.62 -17.55 -2.94
C ARG B 49 3.12 -17.55 -3.20
N ARG B 50 2.65 -18.52 -3.97
CA ARG B 50 1.22 -18.68 -4.23
C ARG B 50 0.43 -18.82 -2.93
N ARG B 51 0.91 -19.64 -1.99
CA ARG B 51 0.18 -19.84 -0.75
C ARG B 51 0.04 -18.54 0.03
N VAL B 52 1.12 -17.75 0.10
CA VAL B 52 1.07 -16.50 0.84
C VAL B 52 0.13 -15.52 0.16
N LEU B 53 0.17 -15.44 -1.18
CA LEU B 53 -0.78 -14.59 -1.90
C LEU B 53 -2.20 -15.08 -1.74
N GLU B 54 -2.39 -16.40 -1.63
CA GLU B 54 -3.74 -16.92 -1.40
C GLU B 54 -4.23 -16.57 -0.01
N GLU B 55 -3.32 -16.53 0.99
CA GLU B 55 -3.72 -16.05 2.30
C GLU B 55 -4.19 -14.61 2.23
N ALA B 56 -3.48 -13.78 1.46
CA ALA B 56 -3.87 -12.38 1.31
C ALA B 56 -5.20 -12.26 0.58
N ARG B 57 -5.35 -13.00 -0.52
CA ARG B 57 -6.58 -12.93 -1.29
C ARG B 57 -7.76 -13.39 -0.47
N LYS B 58 -7.58 -14.45 0.33
CA LYS B 58 -8.65 -14.95 1.18
C LYS B 58 -9.21 -13.85 2.09
N ILE B 59 -8.32 -13.12 2.77
CA ILE B 59 -8.75 -12.06 3.66
C ILE B 59 -9.45 -10.96 2.87
N ALA B 60 -8.85 -10.56 1.74
CA ALA B 60 -9.40 -9.44 0.99
C ALA B 60 -10.79 -9.75 0.45
N GLU B 61 -10.99 -10.96 -0.09
CA GLU B 61 -12.33 -11.30 -0.58
C GLU B 61 -13.32 -11.56 0.55
N GLU B 62 -12.88 -12.01 1.72
CA GLU B 62 -13.79 -12.11 2.86
C GLU B 62 -14.24 -10.73 3.32
N LEU B 63 -13.35 -9.73 3.25
CA LEU B 63 -13.75 -8.36 3.55
C LEU B 63 -14.62 -7.77 2.46
N ASN B 64 -14.55 -8.33 1.25
CA ASN B 64 -15.26 -7.81 0.08
C ASN B 64 -14.94 -6.33 -0.13
N ASP B 65 -13.67 -5.98 0.05
CA ASP B 65 -13.16 -4.63 -0.13
C ASP B 65 -12.44 -4.62 -1.49
N LYS B 66 -12.98 -3.90 -2.46
CA LYS B 66 -12.40 -3.94 -3.81
C LYS B 66 -10.97 -3.41 -3.84
N SER B 67 -10.68 -2.39 -3.03
CA SER B 67 -9.32 -1.84 -3.06
C SER B 67 -8.31 -2.84 -2.53
N LEU B 68 -8.67 -3.60 -1.49
CA LEU B 68 -7.77 -4.62 -0.96
C LEU B 68 -7.63 -5.80 -1.91
N ILE B 69 -8.74 -6.19 -2.55
CA ILE B 69 -8.66 -7.23 -3.58
C ILE B 69 -7.72 -6.79 -4.69
N LEU B 70 -7.87 -5.54 -5.14
CA LEU B 70 -7.02 -5.05 -6.21
C LEU B 70 -5.56 -4.93 -5.76
N ALA B 71 -5.32 -4.68 -4.47
CA ALA B 71 -3.96 -4.63 -3.96
C ALA B 71 -3.29 -5.99 -4.09
N VAL B 72 -4.05 -7.06 -3.83
CA VAL B 72 -3.51 -8.40 -4.01
C VAL B 72 -3.22 -8.65 -5.48
N LYS B 73 -4.17 -8.30 -6.34
CA LYS B 73 -4.01 -8.57 -7.77
C LYS B 73 -2.77 -7.86 -8.33
N LEU B 74 -2.49 -6.64 -7.86
CA LEU B 74 -1.32 -5.93 -8.35
C LEU B 74 -0.06 -6.75 -8.08
N VAL B 75 0.05 -7.33 -6.88
CA VAL B 75 1.25 -8.09 -6.53
C VAL B 75 1.23 -9.46 -7.20
N GLU B 76 0.05 -10.08 -7.35
CA GLU B 76 -0.02 -11.35 -8.08
C GLU B 76 0.56 -11.23 -9.48
N LYS B 77 0.31 -10.08 -10.13
CA LYS B 77 0.76 -9.91 -11.50
C LYS B 77 2.27 -9.83 -11.60
N LYS B 78 2.91 -9.15 -10.66
CA LYS B 78 4.37 -9.10 -10.61
C LYS B 78 4.96 -10.49 -10.44
#